data_5I18
#
_entry.id   5I18
#
_cell.length_a   120.040
_cell.length_b   120.040
_cell.length_c   64.170
_cell.angle_alpha   90.00
_cell.angle_beta   90.00
_cell.angle_gamma   90.00
#
_symmetry.space_group_name_H-M   'P 4 21 2'
#
loop_
_entity.id
_entity.type
_entity.pdbx_description
1 polymer 'FAB LIGHT CHAIN'
2 polymer 'FAB HEAVY CHAIN'
3 non-polymer GLYCEROL
4 water water
#
loop_
_entity_poly.entity_id
_entity_poly.type
_entity_poly.pdbx_seq_one_letter_code
_entity_poly.pdbx_strand_id
1 'polypeptide(L)'
;MDIVMTQSPDSLAVSLGERATINCKSSQSVLYSSNNKNYLAWYQQKPGQPPKLLIYWASTRESGVPDRFSGSGSGTDFTL
TISSLQAEDVAVYYCQQYYSTPLTFGQGTKVEIKRTVAAPSVFIFPPSDEQLKSGTASVVCLLNNFYPREAKVQWKVDNA
LQSGNSQESVTEQDSKDSTYSLSSTLTLSKADYEKHKVYACEVTHQGLSSPVTKSFNRGEC
;
L
2 'polypeptide(L)'
;QVQLVQSGAEVKKPGSSVKVSCKASGGTFSSYAISWVRQAPGQGLEWMGGIIPIFGTANYAQKFQGRVTITADESTSTAY
MELSSLRSEDTAVYYCARYDGIYGELDFWGQGTLVTVSSASTKGPSVFPLAPSSKSTSGGTAALGCLVKDYFPEPVTVSW
NSGALTSGVHTFPAVLQSSGLYSLSSVVTVPSSSLGTQTYICNVNHKPSNTKVDKKVEPKSCHHHHHH
;
H
#
# COMPACT_ATOMS: atom_id res chain seq x y z
N MET A 1 -1.24 28.62 15.21
CA MET A 1 -0.87 27.98 16.51
C MET A 1 -1.12 26.46 16.50
N ASP A 2 -1.48 25.92 15.33
CA ASP A 2 -1.38 24.47 15.10
C ASP A 2 0.06 24.07 15.36
N ILE A 3 0.27 22.93 16.02
CA ILE A 3 1.64 22.46 16.26
C ILE A 3 2.12 21.76 14.99
N VAL A 4 3.23 22.23 14.44
CA VAL A 4 3.82 21.67 13.23
C VAL A 4 4.90 20.66 13.61
N MET A 5 4.82 19.47 13.02
CA MET A 5 5.78 18.40 13.25
C MET A 5 6.68 18.25 12.03
N THR A 6 7.99 18.34 12.25
CA THR A 6 8.96 18.25 11.17
C THR A 6 9.93 17.11 11.41
N GLN A 7 9.99 16.16 10.48
CA GLN A 7 10.91 15.03 10.60
C GLN A 7 12.19 15.27 9.81
N SER A 8 13.28 14.66 10.26
CA SER A 8 14.56 14.65 9.55
C SER A 8 15.27 13.34 9.88
N PRO A 9 15.80 12.64 8.86
CA PRO A 9 15.75 13.00 7.45
C PRO A 9 14.41 12.60 6.83
N ASP A 10 14.23 12.86 5.55
CA ASP A 10 13.04 12.42 4.83
C ASP A 10 13.14 10.97 4.41
N SER A 11 14.37 10.51 4.23
CA SER A 11 14.64 9.18 3.74
C SER A 11 15.98 8.73 4.26
N LEU A 12 16.06 7.45 4.65
CA LEU A 12 17.34 6.89 5.05
C LEU A 12 17.46 5.46 4.56
N ALA A 13 18.69 5.04 4.29
CA ALA A 13 18.96 3.66 3.91
C ALA A 13 20.28 3.24 4.52
N VAL A 14 20.25 2.17 5.30
CA VAL A 14 21.44 1.67 5.96
C VAL A 14 21.52 0.17 5.74
N SER A 15 22.68 -0.42 6.01
CA SER A 15 22.86 -1.86 5.85
C SER A 15 22.15 -2.62 6.99
N LEU A 16 21.80 -3.86 6.72
CA LEU A 16 21.17 -4.73 7.72
C LEU A 16 21.98 -4.72 9.01
N GLY A 17 21.29 -4.53 10.14
CA GLY A 17 21.94 -4.53 11.44
C GLY A 17 22.57 -3.21 11.88
N GLU A 18 22.57 -2.22 11.00
CA GLU A 18 23.08 -0.89 11.34
C GLU A 18 22.00 -0.07 12.04
N ARG A 19 22.41 0.96 12.78
CA ARG A 19 21.46 1.80 13.51
C ARG A 19 20.74 2.74 12.55
N ALA A 20 19.44 2.92 12.76
CA ALA A 20 18.66 3.92 12.02
C ALA A 20 18.10 4.96 12.98
N THR A 21 18.25 6.24 12.63
CA THR A 21 17.87 7.35 13.49
C THR A 21 16.91 8.31 12.77
N ILE A 22 15.73 8.52 13.36
CA ILE A 22 14.71 9.43 12.79
C ILE A 22 14.34 10.51 13.79
N ASN A 23 14.51 11.76 13.39
CA ASN A 23 14.28 12.89 14.28
C ASN A 23 12.96 13.56 13.98
N CYS A 24 12.38 14.17 15.01
CA CYS A 24 11.09 14.83 14.90
C CYS A 24 11.16 16.08 15.78
N LYS A 25 10.84 17.23 15.18
CA LYS A 25 10.79 18.48 15.92
C LYS A 25 9.38 19.06 15.91
N SER A 26 8.90 19.48 17.08
CA SER A 26 7.61 20.13 17.19
C SER A 26 7.79 21.64 17.31
N SER A 27 6.85 22.39 16.74
CA SER A 27 6.95 23.86 16.69
C SER A 27 6.66 24.52 18.03
N GLN A 28 5.98 23.78 18.91
CA GLN A 28 5.73 24.18 20.28
C GLN A 28 6.04 22.97 21.16
N SER A 29 6.37 23.21 22.43
CA SER A 29 6.59 22.12 23.37
C SER A 29 5.33 21.26 23.55
N VAL A 30 5.54 19.95 23.64
CA VAL A 30 4.44 19.01 23.88
C VAL A 30 4.60 18.34 25.26
N LEU A 31 5.44 18.96 26.09
CA LEU A 31 5.61 18.56 27.48
C LEU A 31 4.53 19.22 28.35
N TYR A 32 3.73 18.39 29.00
CA TYR A 32 2.67 18.87 29.88
C TYR A 32 3.19 19.02 31.31
N SER A 33 3.17 20.27 31.80
CA SER A 33 3.67 20.64 33.13
C SER A 33 3.15 19.80 34.28
N SER A 34 1.85 19.52 34.28
CA SER A 34 1.20 18.93 35.45
C SER A 34 1.49 17.43 35.66
N ASN A 35 1.94 16.74 34.61
CA ASN A 35 2.33 15.33 34.74
C ASN A 35 3.73 14.99 34.23
N ASN A 36 4.42 16.00 33.70
CA ASN A 36 5.78 15.86 33.17
C ASN A 36 5.88 14.79 32.07
N LYS A 37 4.82 14.69 31.26
CA LYS A 37 4.77 13.75 30.12
C LYS A 37 4.76 14.47 28.78
N ASN A 38 5.47 13.89 27.81
CA ASN A 38 5.48 14.39 26.44
C ASN A 38 4.41 13.69 25.61
N TYR A 39 3.50 14.46 25.03
CA TYR A 39 2.36 13.92 24.29
C TYR A 39 2.76 13.68 22.84
N LEU A 40 3.57 12.64 22.66
CA LEU A 40 4.27 12.41 21.40
C LEU A 40 4.28 10.90 21.13
N ALA A 41 3.87 10.52 19.92
CA ALA A 41 3.82 9.12 19.52
C ALA A 41 4.61 8.86 18.23
N TRP A 42 4.98 7.60 18.00
CA TRP A 42 5.64 7.18 16.75
C TRP A 42 4.88 6.00 16.14
N TYR A 43 4.79 6.00 14.82
CA TYR A 43 4.07 4.98 14.05
C TYR A 43 4.96 4.40 12.96
N GLN A 44 4.70 3.14 12.64
CA GLN A 44 5.32 2.47 11.51
C GLN A 44 4.21 2.17 10.50
N GLN A 45 4.44 2.47 9.24
CA GLN A 45 3.48 2.14 8.20
C GLN A 45 4.09 1.45 6.99
N LYS A 46 3.57 0.26 6.70
CA LYS A 46 3.99 -0.50 5.52
C LYS A 46 2.92 -0.40 4.43
N PRO A 47 3.31 -0.61 3.15
CA PRO A 47 2.38 -0.45 2.05
C PRO A 47 1.13 -1.33 2.19
N GLY A 48 -0.03 -0.75 1.89
CA GLY A 48 -1.29 -1.47 1.94
C GLY A 48 -1.87 -1.59 3.34
N GLN A 49 -1.14 -1.08 4.33
CA GLN A 49 -1.51 -1.24 5.74
C GLN A 49 -1.74 0.10 6.41
N PRO A 50 -2.58 0.13 7.46
CA PRO A 50 -2.67 1.30 8.33
C PRO A 50 -1.37 1.47 9.12
N PRO A 51 -1.13 2.69 9.65
CA PRO A 51 -0.06 2.86 10.61
C PRO A 51 -0.23 1.99 11.85
N LYS A 52 0.91 1.61 12.45
CA LYS A 52 0.95 0.80 13.66
C LYS A 52 1.69 1.57 14.75
N LEU A 53 1.08 1.65 15.93
CA LEU A 53 1.66 2.41 17.04
C LEU A 53 2.90 1.71 17.60
N LEU A 54 4.02 2.43 17.68
CA LEU A 54 5.26 1.88 18.25
C LEU A 54 5.57 2.42 19.65
N ILE A 55 5.42 3.74 19.79
CA ILE A 55 5.89 4.47 20.97
C ILE A 55 4.86 5.52 21.33
N TYR A 56 4.59 5.71 22.62
CA TYR A 56 3.76 6.83 23.09
C TYR A 56 4.42 7.43 24.33
N TRP A 57 3.93 8.59 24.77
CA TRP A 57 4.60 9.37 25.83
C TRP A 57 6.08 9.60 25.49
N ALA A 58 6.38 9.74 24.21
CA ALA A 58 7.73 9.95 23.69
C ALA A 58 8.69 8.75 23.83
N SER A 59 8.61 8.01 24.93
CA SER A 59 9.59 6.96 25.20
C SER A 59 9.04 5.60 25.69
N THR A 60 7.72 5.50 25.84
CA THR A 60 7.10 4.22 26.25
C THR A 60 6.80 3.33 25.04
N ARG A 61 7.41 2.16 25.04
CA ARG A 61 7.21 1.17 23.99
C ARG A 61 5.79 0.59 24.10
N GLU A 62 5.06 0.55 22.98
CA GLU A 62 3.77 -0.14 22.96
C GLU A 62 4.00 -1.63 23.21
N SER A 63 3.04 -2.28 23.86
CA SER A 63 3.08 -3.71 24.10
C SER A 63 3.23 -4.44 22.75
N GLY A 64 4.10 -5.46 22.73
CA GLY A 64 4.33 -6.23 21.50
C GLY A 64 5.40 -5.68 20.57
N VAL A 65 5.90 -4.48 20.85
CA VAL A 65 6.93 -3.86 19.99
C VAL A 65 8.33 -4.33 20.41
N PRO A 66 9.15 -4.77 19.44
CA PRO A 66 10.54 -5.22 19.71
C PRO A 66 11.41 -4.16 20.40
N ASP A 67 12.34 -4.62 21.24
CA ASP A 67 13.26 -3.74 22.00
C ASP A 67 14.16 -2.85 21.15
N ARG A 68 14.42 -3.25 19.91
CA ARG A 68 15.31 -2.47 19.04
C ARG A 68 14.72 -1.09 18.68
N PHE A 69 13.42 -0.93 18.91
CA PHE A 69 12.74 0.35 18.72
C PHE A 69 12.74 1.12 20.03
N SER A 70 13.30 2.33 20.02
CA SER A 70 13.31 3.16 21.22
C SER A 70 13.01 4.63 20.90
N GLY A 71 12.19 5.24 21.74
CA GLY A 71 11.84 6.65 21.57
C GLY A 71 12.56 7.46 22.63
N SER A 72 13.06 8.64 22.26
CA SER A 72 13.70 9.53 23.22
C SER A 72 13.34 10.99 22.94
N GLY A 73 13.61 11.85 23.92
CA GLY A 73 13.40 13.28 23.75
C GLY A 73 12.40 13.88 24.72
N SER A 74 12.38 15.21 24.79
CA SER A 74 11.47 15.95 25.65
C SER A 74 11.28 17.35 25.07
N GLY A 75 10.13 17.95 25.32
CA GLY A 75 9.87 19.33 24.89
C GLY A 75 9.56 19.43 23.40
N THR A 76 10.57 19.75 22.60
CA THR A 76 10.36 19.97 21.16
C THR A 76 11.18 19.04 20.27
N ASP A 77 12.15 18.31 20.84
CA ASP A 77 13.09 17.51 20.05
C ASP A 77 12.99 16.02 20.40
N PHE A 78 12.64 15.21 19.42
CA PHE A 78 12.42 13.79 19.67
C PHE A 78 13.13 12.92 18.64
N THR A 79 13.39 11.68 19.02
CA THR A 79 14.09 10.75 18.13
C THR A 79 13.56 9.33 18.29
N LEU A 80 13.30 8.68 17.15
CA LEU A 80 13.05 7.25 17.13
C LEU A 80 14.33 6.59 16.65
N THR A 81 14.84 5.66 17.47
CA THR A 81 16.02 4.89 17.10
C THR A 81 15.66 3.42 16.88
N ILE A 82 16.14 2.88 15.77
CA ILE A 82 16.12 1.44 15.55
C ILE A 82 17.58 1.01 15.69
N SER A 83 17.88 0.28 16.76
CA SER A 83 19.27 0.01 17.14
C SER A 83 20.00 -0.88 16.14
N SER A 84 19.25 -1.80 15.55
CA SER A 84 19.79 -2.77 14.60
C SER A 84 18.70 -3.04 13.57
N LEU A 85 18.78 -2.36 12.44
CA LEU A 85 17.71 -2.40 11.44
C LEU A 85 17.58 -3.80 10.85
N GLN A 86 16.38 -4.36 10.94
CA GLN A 86 16.08 -5.68 10.40
C GLN A 86 15.35 -5.56 9.08
N ALA A 87 15.37 -6.64 8.30
CA ALA A 87 14.76 -6.61 6.96
C ALA A 87 13.28 -6.19 7.03
N GLU A 88 12.58 -6.71 8.04
CA GLU A 88 11.14 -6.46 8.24
C GLU A 88 10.83 -5.02 8.69
N ASP A 89 11.85 -4.22 8.96
CA ASP A 89 11.66 -2.87 9.50
C ASP A 89 11.53 -1.80 8.43
N VAL A 90 11.69 -2.18 7.15
CA VAL A 90 11.56 -1.22 6.07
C VAL A 90 10.11 -0.75 6.02
N ALA A 91 9.93 0.57 6.05
CA ALA A 91 8.60 1.16 6.23
C ALA A 91 8.74 2.68 6.21
N VAL A 92 7.61 3.36 6.31
CA VAL A 92 7.61 4.81 6.55
C VAL A 92 7.27 5.00 8.02
N TYR A 93 8.03 5.87 8.69
CA TYR A 93 7.82 6.15 10.10
C TYR A 93 7.32 7.57 10.29
N TYR A 94 6.30 7.73 11.12
CA TYR A 94 5.68 9.03 11.40
C TYR A 94 5.71 9.36 12.88
N CYS A 95 6.01 10.60 13.20
CA CYS A 95 5.74 11.10 14.55
C CYS A 95 4.39 11.84 14.59
N GLN A 96 3.86 12.00 15.80
CA GLN A 96 2.56 12.63 15.99
C GLN A 96 2.54 13.30 17.35
N GLN A 97 2.01 14.52 17.42
CA GLN A 97 1.72 15.15 18.70
C GLN A 97 0.24 15.01 19.00
N TYR A 98 -0.07 14.86 20.29
CA TYR A 98 -1.45 14.83 20.76
C TYR A 98 -1.57 15.66 22.04
N TYR A 99 -0.72 16.70 22.13
CA TYR A 99 -0.79 17.69 23.19
C TYR A 99 -2.05 18.53 23.05
N SER A 100 -2.39 18.88 21.81
CA SER A 100 -3.57 19.69 21.53
C SER A 100 -4.13 19.41 20.14
N THR A 101 -5.41 19.72 19.94
CA THR A 101 -6.04 19.60 18.62
C THR A 101 -5.74 20.85 17.80
N PRO A 102 -5.62 20.70 16.46
CA PRO A 102 -5.73 19.45 15.71
C PRO A 102 -4.54 18.53 15.98
N LEU A 103 -4.79 17.23 16.04
CA LEU A 103 -3.70 16.25 16.07
C LEU A 103 -2.92 16.39 14.77
N THR A 104 -1.60 16.41 14.86
CA THR A 104 -0.77 16.62 13.68
C THR A 104 0.35 15.61 13.59
N PHE A 105 0.73 15.27 12.36
CA PHE A 105 1.75 14.25 12.08
C PHE A 105 2.95 14.88 11.39
N GLY A 106 4.13 14.30 11.61
CA GLY A 106 5.29 14.61 10.76
C GLY A 106 5.03 14.12 9.34
N GLN A 107 5.90 14.52 8.42
CA GLN A 107 5.69 14.21 6.98
C GLN A 107 5.99 12.75 6.62
N GLY A 108 6.57 12.03 7.57
CA GLY A 108 7.00 10.65 7.33
C GLY A 108 8.44 10.55 6.90
N THR A 109 9.11 9.49 7.36
CA THR A 109 10.49 9.22 6.98
C THR A 109 10.55 7.79 6.43
N LYS A 110 10.99 7.66 5.18
CA LYS A 110 11.11 6.35 4.54
C LYS A 110 12.41 5.67 4.96
N VAL A 111 12.30 4.40 5.33
CA VAL A 111 13.45 3.63 5.83
C VAL A 111 13.61 2.43 4.94
N GLU A 112 14.82 2.27 4.40
CA GLU A 112 15.15 1.19 3.48
C GLU A 112 16.48 0.52 3.82
N ILE A 113 16.69 -0.67 3.29
CA ILE A 113 17.91 -1.44 3.54
C ILE A 113 18.84 -1.32 2.32
N LYS A 114 20.11 -1.06 2.62
CA LYS A 114 21.18 -1.18 1.63
C LYS A 114 21.75 -2.59 1.75
N ARG A 115 21.83 -3.30 0.62
CA ARG A 115 22.34 -4.67 0.60
C ARG A 115 23.19 -4.92 -0.66
N THR A 116 23.75 -6.13 -0.76
CA THR A 116 24.56 -6.47 -1.93
C THR A 116 23.70 -6.52 -3.19
N VAL A 117 24.34 -6.33 -4.34
CA VAL A 117 23.66 -6.42 -5.63
C VAL A 117 23.06 -7.83 -5.78
N ALA A 118 21.85 -7.92 -6.34
CA ALA A 118 21.23 -9.21 -6.67
C ALA A 118 20.57 -9.09 -8.04
N ALA A 119 20.97 -9.98 -8.95
CA ALA A 119 20.39 -10.01 -10.30
C ALA A 119 18.97 -10.57 -10.27
N PRO A 120 18.09 -10.04 -11.14
CA PRO A 120 16.73 -10.58 -11.19
C PRO A 120 16.70 -11.96 -11.87
N SER A 121 15.75 -12.81 -11.48
CA SER A 121 15.32 -13.89 -12.35
C SER A 121 14.23 -13.30 -13.24
N VAL A 122 14.23 -13.68 -14.51
CA VAL A 122 13.35 -13.07 -15.51
C VAL A 122 12.41 -14.12 -16.10
N PHE A 123 11.14 -13.76 -16.22
CA PHE A 123 10.12 -14.64 -16.78
C PHE A 123 9.25 -13.86 -17.76
N ILE A 124 8.87 -14.52 -18.85
CA ILE A 124 7.96 -13.93 -19.82
C ILE A 124 6.67 -14.75 -19.89
N PHE A 125 5.54 -14.05 -20.02
CA PHE A 125 4.21 -14.70 -20.07
C PHE A 125 3.47 -14.27 -21.32
N PRO A 126 3.09 -15.24 -22.18
CA PRO A 126 2.25 -14.93 -23.34
C PRO A 126 0.84 -14.55 -22.88
N PRO A 127 0.07 -13.86 -23.74
CA PRO A 127 -1.34 -13.63 -23.38
C PRO A 127 -2.12 -14.93 -23.34
N SER A 128 -3.12 -14.99 -22.45
CA SER A 128 -3.96 -16.17 -22.34
C SER A 128 -4.96 -16.22 -23.49
N ASP A 129 -5.37 -17.43 -23.85
CA ASP A 129 -6.40 -17.61 -24.85
C ASP A 129 -7.68 -16.90 -24.43
N GLU A 130 -8.02 -16.95 -23.14
CA GLU A 130 -9.21 -16.24 -22.66
C GLU A 130 -9.17 -14.73 -22.85
N GLN A 131 -8.01 -14.11 -22.62
CA GLN A 131 -7.90 -12.67 -22.90
C GLN A 131 -8.01 -12.36 -24.39
N LEU A 132 -7.42 -13.19 -25.23
CA LEU A 132 -7.44 -12.94 -26.69
C LEU A 132 -8.86 -12.84 -27.24
N LYS A 133 -9.81 -13.54 -26.61
CA LYS A 133 -11.24 -13.41 -26.96
C LYS A 133 -11.70 -11.96 -26.99
N SER A 134 -11.07 -11.13 -26.15
CA SER A 134 -11.45 -9.72 -25.99
C SER A 134 -10.96 -8.81 -27.13
N GLY A 135 -10.01 -9.32 -27.92
CA GLY A 135 -9.40 -8.53 -29.01
C GLY A 135 -8.13 -7.80 -28.60
N THR A 136 -7.72 -7.98 -27.34
CA THR A 136 -6.49 -7.36 -26.82
C THR A 136 -5.53 -8.44 -26.27
N ALA A 137 -4.23 -8.21 -26.47
CA ALA A 137 -3.19 -9.12 -25.95
C ALA A 137 -2.27 -8.38 -24.99
N SER A 138 -2.11 -8.93 -23.78
CA SER A 138 -1.14 -8.43 -22.81
C SER A 138 -0.02 -9.44 -22.68
N VAL A 139 1.21 -9.00 -22.96
CA VAL A 139 2.40 -9.83 -22.76
C VAL A 139 3.10 -9.30 -21.50
N VAL A 140 3.43 -10.20 -20.58
CA VAL A 140 3.95 -9.77 -19.27
C VAL A 140 5.38 -10.25 -19.03
N CYS A 141 6.21 -9.37 -18.52
CA CYS A 141 7.58 -9.71 -18.16
C CYS A 141 7.80 -9.45 -16.68
N LEU A 142 8.33 -10.45 -15.98
CA LEU A 142 8.57 -10.36 -14.54
C LEU A 142 10.06 -10.37 -14.23
N LEU A 143 10.51 -9.39 -13.46
CA LEU A 143 11.86 -9.36 -12.91
C LEU A 143 11.74 -9.61 -11.42
N ASN A 144 12.20 -10.79 -10.99
CA ASN A 144 11.95 -11.27 -9.65
C ASN A 144 13.16 -11.07 -8.73
N ASN A 145 12.94 -10.33 -7.65
CA ASN A 145 13.88 -10.20 -6.53
C ASN A 145 15.28 -9.71 -6.88
N PHE A 146 15.35 -8.44 -7.29
CA PHE A 146 16.62 -7.81 -7.64
C PHE A 146 16.98 -6.66 -6.71
N TYR A 147 18.25 -6.31 -6.69
CA TYR A 147 18.73 -5.15 -5.94
C TYR A 147 19.98 -4.59 -6.61
N PRO A 148 20.09 -3.24 -6.75
CA PRO A 148 19.14 -2.18 -6.33
C PRO A 148 17.95 -1.99 -7.27
N ARG A 149 17.09 -1.00 -6.95
CA ARG A 149 15.82 -0.83 -7.68
CA ARG A 149 15.88 -0.67 -7.68
C ARG A 149 15.95 -0.53 -9.18
C ARG A 149 16.18 0.28 -8.83
N GLU A 150 17.06 0.08 -9.58
N GLU A 150 17.07 -0.17 -9.71
CA GLU A 150 17.30 0.49 -10.97
CA GLU A 150 17.29 0.47 -11.00
C GLU A 150 17.32 -0.67 -11.99
N ALA A 151 16.43 -0.63 -12.97
CA ALA A 151 16.35 -1.68 -13.99
C ALA A 151 15.73 -1.12 -15.26
N LYS A 152 16.02 -1.78 -16.38
CA LYS A 152 15.48 -1.37 -17.66
C LYS A 152 14.91 -2.59 -18.39
N VAL A 153 13.68 -2.44 -18.85
CA VAL A 153 13.02 -3.46 -19.67
C VAL A 153 12.84 -2.91 -21.08
N GLN A 154 13.27 -3.69 -22.06
CA GLN A 154 13.03 -3.36 -23.47
C GLN A 154 12.24 -4.48 -24.12
N TRP A 155 11.09 -4.13 -24.68
CA TRP A 155 10.28 -5.08 -25.42
C TRP A 155 10.67 -5.11 -26.90
N LYS A 156 10.75 -6.32 -27.45
CA LYS A 156 11.02 -6.50 -28.87
C LYS A 156 9.99 -7.44 -29.47
N VAL A 157 9.50 -7.09 -30.65
CA VAL A 157 8.55 -7.91 -31.39
C VAL A 157 9.15 -8.15 -32.77
N ASP A 158 9.45 -9.41 -33.08
CA ASP A 158 10.23 -9.78 -34.27
C ASP A 158 11.50 -8.93 -34.37
N ASN A 159 12.21 -8.84 -33.25
CA ASN A 159 13.45 -8.07 -33.10
C ASN A 159 13.30 -6.54 -33.25
N ALA A 160 12.06 -6.07 -33.44
CA ALA A 160 11.81 -4.62 -33.52
C ALA A 160 11.51 -4.03 -32.13
N LEU A 161 12.28 -3.02 -31.76
CA LEU A 161 12.15 -2.36 -30.44
C LEU A 161 10.82 -1.63 -30.28
N GLN A 162 10.10 -1.97 -29.21
CA GLN A 162 8.79 -1.36 -28.93
C GLN A 162 8.90 -0.07 -28.16
N SER A 163 7.99 0.86 -28.43
CA SER A 163 7.97 2.15 -27.76
C SER A 163 6.55 2.67 -27.59
N GLY A 164 6.23 3.10 -26.37
CA GLY A 164 4.94 3.74 -26.07
C GLY A 164 3.77 2.80 -25.76
N ASN A 165 4.01 1.49 -25.86
CA ASN A 165 2.94 0.50 -25.69
C ASN A 165 3.15 -0.44 -24.50
N SER A 166 3.92 0.02 -23.51
CA SER A 166 4.18 -0.77 -22.32
C SER A 166 4.06 0.10 -21.07
N GLN A 167 3.76 -0.56 -19.94
CA GLN A 167 3.72 0.10 -18.65
C GLN A 167 4.32 -0.87 -17.66
N GLU A 168 4.92 -0.34 -16.61
CA GLU A 168 5.51 -1.15 -15.57
C GLU A 168 5.23 -0.59 -14.18
N SER A 169 5.33 -1.46 -13.18
CA SER A 169 5.36 -1.03 -11.78
C SER A 169 6.31 -1.89 -10.96
N VAL A 170 6.65 -1.40 -9.77
CA VAL A 170 7.70 -2.00 -8.95
C VAL A 170 7.16 -2.16 -7.52
N THR A 171 7.49 -3.28 -6.89
CA THR A 171 7.10 -3.51 -5.51
C THR A 171 7.94 -2.67 -4.53
N GLU A 172 7.42 -2.52 -3.32
CA GLU A 172 8.19 -1.99 -2.22
C GLU A 172 9.28 -3.01 -1.86
N GLN A 173 10.24 -2.61 -1.05
CA GLN A 173 11.34 -3.48 -0.67
C GLN A 173 10.83 -4.69 0.10
N ASP A 174 11.33 -5.87 -0.26
CA ASP A 174 10.88 -7.12 0.35
C ASP A 174 11.27 -7.21 1.81
N SER A 175 10.30 -7.59 2.65
CA SER A 175 10.49 -7.62 4.10
C SER A 175 11.40 -8.76 4.58
N LYS A 176 11.76 -9.68 3.69
CA LYS A 176 12.66 -10.78 4.04
C LYS A 176 14.05 -10.67 3.43
N ASP A 177 14.16 -10.48 2.11
CA ASP A 177 15.47 -10.45 1.46
C ASP A 177 15.90 -9.06 0.95
N SER A 178 15.08 -8.05 1.24
CA SER A 178 15.37 -6.65 0.90
C SER A 178 15.55 -6.39 -0.61
N THR A 179 14.89 -7.21 -1.44
CA THR A 179 14.93 -6.99 -2.89
C THR A 179 13.69 -6.23 -3.39
N TYR A 180 13.70 -5.91 -4.69
CA TYR A 180 12.55 -5.33 -5.37
C TYR A 180 12.14 -6.28 -6.50
N SER A 181 10.89 -6.18 -6.92
CA SER A 181 10.44 -6.91 -8.10
C SER A 181 9.74 -5.95 -9.03
N LEU A 182 9.72 -6.29 -10.32
CA LEU A 182 9.15 -5.41 -11.34
C LEU A 182 8.33 -6.22 -12.34
N SER A 183 7.18 -5.67 -12.70
CA SER A 183 6.32 -6.27 -13.70
C SER A 183 6.14 -5.25 -14.82
N SER A 184 6.33 -5.71 -16.05
CA SER A 184 6.12 -4.89 -17.24
C SER A 184 5.08 -5.56 -18.15
N THR A 185 4.15 -4.76 -18.68
CA THR A 185 3.12 -5.27 -19.58
C THR A 185 3.19 -4.55 -20.92
N LEU A 186 3.30 -5.35 -21.98
CA LEU A 186 3.19 -4.88 -23.35
C LEU A 186 1.77 -5.17 -23.85
N THR A 187 1.09 -4.12 -24.33
CA THR A 187 -0.28 -4.25 -24.81
C THR A 187 -0.34 -4.05 -26.32
N LEU A 188 -0.93 -5.02 -27.00
CA LEU A 188 -1.13 -4.97 -28.45
C LEU A 188 -2.57 -5.38 -28.75
N SER A 189 -3.09 -4.94 -29.90
CA SER A 189 -4.33 -5.51 -30.41
C SER A 189 -4.05 -6.98 -30.75
N LYS A 190 -5.08 -7.81 -30.69
CA LYS A 190 -4.94 -9.21 -31.12
C LYS A 190 -4.41 -9.29 -32.57
N ALA A 191 -4.92 -8.43 -33.44
CA ALA A 191 -4.46 -8.37 -34.83
C ALA A 191 -2.92 -8.25 -34.91
N ASP A 192 -2.38 -7.23 -34.24
CA ASP A 192 -0.93 -7.01 -34.19
C ASP A 192 -0.18 -8.20 -33.60
N TYR A 193 -0.72 -8.73 -32.50
CA TYR A 193 -0.16 -9.92 -31.86
C TYR A 193 -0.06 -11.10 -32.81
N GLU A 194 -1.13 -11.35 -33.58
CA GLU A 194 -1.19 -12.49 -34.50
C GLU A 194 -0.31 -12.32 -35.75
N LYS A 195 0.09 -11.09 -36.03
CA LYS A 195 0.93 -10.77 -37.20
C LYS A 195 2.40 -11.09 -36.97
N HIS A 196 2.80 -11.24 -35.72
CA HIS A 196 4.23 -11.40 -35.38
C HIS A 196 4.51 -12.71 -34.65
N LYS A 197 5.78 -13.12 -34.65
CA LYS A 197 6.16 -14.43 -34.10
C LYS A 197 6.93 -14.35 -32.78
N VAL A 198 8.00 -13.57 -32.76
CA VAL A 198 8.94 -13.55 -31.62
C VAL A 198 8.66 -12.38 -30.68
N TYR A 199 8.34 -12.72 -29.45
CA TYR A 199 8.06 -11.76 -28.39
C TYR A 199 9.14 -11.91 -27.33
N ALA A 200 9.87 -10.83 -27.09
CA ALA A 200 11.04 -10.87 -26.21
C ALA A 200 11.06 -9.72 -25.23
N CYS A 201 11.47 -10.04 -24.02
CA CYS A 201 11.68 -9.07 -22.96
C CYS A 201 13.18 -9.04 -22.69
N GLU A 202 13.81 -7.89 -22.94
CA GLU A 202 15.24 -7.72 -22.66
C GLU A 202 15.48 -6.90 -21.41
N VAL A 203 16.17 -7.49 -20.44
CA VAL A 203 16.34 -6.89 -19.12
C VAL A 203 17.79 -6.47 -18.85
N THR A 204 17.95 -5.19 -18.51
CA THR A 204 19.25 -4.67 -18.09
C THR A 204 19.20 -4.38 -16.60
N HIS A 205 20.16 -4.93 -15.87
CA HIS A 205 20.31 -4.67 -14.45
C HIS A 205 21.77 -4.88 -14.07
N GLN A 206 22.28 -4.05 -13.16
CA GLN A 206 23.70 -4.08 -12.81
C GLN A 206 24.19 -5.40 -12.19
N GLY A 207 23.25 -6.26 -11.77
CA GLY A 207 23.59 -7.61 -11.27
C GLY A 207 23.88 -8.63 -12.36
N LEU A 208 23.46 -8.30 -13.58
CA LEU A 208 23.71 -9.18 -14.74
C LEU A 208 24.99 -8.75 -15.44
N SER A 209 25.72 -9.72 -16.00
CA SER A 209 26.94 -9.42 -16.78
C SER A 209 26.63 -8.73 -18.10
N SER A 210 25.47 -9.04 -18.66
CA SER A 210 24.96 -8.43 -19.90
C SER A 210 23.43 -8.57 -19.89
N PRO A 211 22.73 -7.82 -20.76
CA PRO A 211 21.26 -7.88 -20.77
C PRO A 211 20.75 -9.31 -20.98
N VAL A 212 19.73 -9.70 -20.22
CA VAL A 212 19.14 -11.03 -20.34
C VAL A 212 17.82 -10.94 -21.11
N THR A 213 17.66 -11.83 -22.09
CA THR A 213 16.46 -11.85 -22.91
C THR A 213 15.66 -13.12 -22.63
N LYS A 214 14.39 -12.95 -22.28
CA LYS A 214 13.46 -14.08 -22.24
C LYS A 214 12.46 -13.89 -23.37
N SER A 215 12.18 -14.97 -24.09
CA SER A 215 11.32 -14.87 -25.26
C SER A 215 10.44 -16.09 -25.48
N PHE A 216 9.41 -15.92 -26.30
CA PHE A 216 8.60 -17.03 -26.78
C PHE A 216 8.18 -16.79 -28.22
N ASN A 217 7.87 -17.89 -28.91
CA ASN A 217 7.29 -17.83 -30.25
C ASN A 217 5.80 -18.12 -30.16
N ARG A 218 4.98 -17.17 -30.60
CA ARG A 218 3.52 -17.32 -30.62
C ARG A 218 3.14 -18.60 -31.36
N GLY A 219 2.45 -19.49 -30.67
CA GLY A 219 2.04 -20.79 -31.23
C GLY A 219 3.14 -21.85 -31.20
N VAL B 2 -9.93 -5.95 20.32
CA VAL B 2 -10.39 -4.69 19.64
C VAL B 2 -10.04 -4.73 18.14
N GLN B 3 -11.07 -4.59 17.31
CA GLN B 3 -10.88 -4.49 15.85
C GLN B 3 -11.85 -3.48 15.24
N LEU B 4 -11.31 -2.62 14.37
CA LEU B 4 -12.11 -1.63 13.67
C LEU B 4 -12.25 -2.05 12.20
N VAL B 5 -13.49 -2.27 11.77
CA VAL B 5 -13.77 -2.73 10.41
C VAL B 5 -14.52 -1.63 9.65
N GLN B 6 -13.94 -1.19 8.53
CA GLN B 6 -14.49 -0.10 7.75
C GLN B 6 -15.28 -0.59 6.54
N SER B 7 -16.16 0.28 6.03
CA SER B 7 -16.91 0.02 4.80
C SER B 7 -15.98 -0.02 3.57
N GLY B 8 -16.51 -0.53 2.46
CA GLY B 8 -15.71 -0.81 1.28
C GLY B 8 -15.36 0.40 0.43
N ALA B 9 -14.31 0.25 -0.39
CA ALA B 9 -13.91 1.30 -1.30
C ALA B 9 -15.03 1.61 -2.30
N GLU B 10 -15.09 2.87 -2.75
CA GLU B 10 -16.04 3.25 -3.79
C GLU B 10 -15.63 4.51 -4.55
N VAL B 11 -16.13 4.63 -5.78
CA VAL B 11 -15.99 5.84 -6.56
C VAL B 11 -17.16 6.77 -6.27
N LYS B 12 -16.86 8.08 -6.26
CA LYS B 12 -17.88 9.10 -6.04
C LYS B 12 -17.66 10.19 -7.06
N LYS B 13 -18.76 10.72 -7.62
CA LYS B 13 -18.69 11.83 -8.58
C LYS B 13 -18.23 13.09 -7.87
N PRO B 14 -17.51 13.98 -8.60
CA PRO B 14 -17.19 15.28 -8.03
C PRO B 14 -18.47 16.02 -7.65
N GLY B 15 -18.44 16.73 -6.52
CA GLY B 15 -19.63 17.44 -6.04
C GLY B 15 -20.52 16.62 -5.12
N SER B 16 -20.38 15.29 -5.15
CA SER B 16 -21.19 14.41 -4.31
C SER B 16 -20.65 14.33 -2.87
N SER B 17 -21.33 13.57 -2.03
CA SER B 17 -20.89 13.36 -0.65
C SER B 17 -20.61 11.86 -0.46
N VAL B 18 -19.61 11.56 0.35
CA VAL B 18 -19.29 10.17 0.70
C VAL B 18 -19.56 9.94 2.18
N LYS B 19 -20.01 8.73 2.51
CA LYS B 19 -20.11 8.32 3.90
C LYS B 19 -19.31 7.03 4.10
N VAL B 20 -18.41 7.05 5.07
CA VAL B 20 -17.60 5.88 5.40
C VAL B 20 -17.93 5.47 6.83
N SER B 21 -18.10 4.16 7.06
CA SER B 21 -18.41 3.66 8.39
C SER B 21 -17.22 2.95 8.99
N CYS B 22 -17.22 2.88 10.33
CA CYS B 22 -16.18 2.26 11.11
C CYS B 22 -16.86 1.51 12.25
N LYS B 23 -16.87 0.18 12.16
CA LYS B 23 -17.55 -0.68 13.14
C LYS B 23 -16.54 -1.25 14.13
N ALA B 24 -16.77 -0.99 15.42
CA ALA B 24 -15.89 -1.51 16.46
C ALA B 24 -16.40 -2.85 16.98
N SER B 25 -15.56 -3.87 16.87
CA SER B 25 -15.89 -5.20 17.42
C SER B 25 -15.84 -5.17 18.96
N GLY B 26 -16.15 -6.31 19.59
CA GLY B 26 -16.28 -6.37 21.04
C GLY B 26 -17.66 -5.96 21.49
N GLY B 27 -18.23 -4.96 20.82
CA GLY B 27 -19.60 -4.52 21.06
C GLY B 27 -19.72 -3.12 21.63
N THR B 28 -18.61 -2.38 21.64
CA THR B 28 -18.57 -1.01 22.18
C THR B 28 -17.26 -0.29 21.86
N PHE B 29 -17.31 1.04 21.79
CA PHE B 29 -16.09 1.86 21.93
C PHE B 29 -16.02 2.54 23.30
N SER B 30 -16.85 2.06 24.22
CA SER B 30 -16.74 2.34 25.66
C SER B 30 -16.58 3.83 26.00
N SER B 31 -15.48 4.16 26.68
CA SER B 31 -15.15 5.51 27.10
C SER B 31 -14.14 6.14 26.13
N TYR B 32 -13.82 5.41 25.06
CA TYR B 32 -12.82 5.82 24.10
C TYR B 32 -13.39 6.68 22.97
N ALA B 33 -12.50 7.15 22.11
CA ALA B 33 -12.85 8.09 21.05
C ALA B 33 -12.43 7.51 19.70
N ILE B 34 -12.96 8.07 18.61
CA ILE B 34 -12.60 7.65 17.27
C ILE B 34 -12.10 8.85 16.45
N SER B 35 -10.92 8.73 15.87
CA SER B 35 -10.39 9.73 14.95
C SER B 35 -10.58 9.26 13.52
N TRP B 36 -10.70 10.21 12.59
CA TRP B 36 -10.62 9.95 11.18
C TRP B 36 -9.37 10.62 10.65
N VAL B 37 -8.60 9.85 9.88
CA VAL B 37 -7.30 10.29 9.38
C VAL B 37 -7.26 9.89 7.91
N ARG B 38 -6.87 10.81 7.04
CA ARG B 38 -6.79 10.45 5.63
C ARG B 38 -5.37 10.49 5.10
N GLN B 39 -5.17 9.79 3.98
CA GLN B 39 -3.88 9.68 3.36
C GLN B 39 -4.06 9.65 1.85
N ALA B 40 -3.74 10.77 1.21
CA ALA B 40 -3.78 10.88 -0.24
C ALA B 40 -2.68 9.98 -0.81
N PRO B 41 -2.81 9.53 -2.08
CA PRO B 41 -1.84 8.59 -2.66
C PRO B 41 -0.41 9.12 -2.59
N GLY B 42 0.47 8.34 -1.94
CA GLY B 42 1.88 8.70 -1.80
C GLY B 42 2.16 9.79 -0.78
N GLN B 43 1.12 10.22 -0.05
CA GLN B 43 1.26 11.35 0.87
C GLN B 43 1.29 10.93 2.34
N GLY B 44 1.40 11.91 3.22
CA GLY B 44 1.42 11.68 4.65
C GLY B 44 0.03 11.55 5.24
N LEU B 45 -0.01 11.50 6.57
CA LEU B 45 -1.24 11.33 7.32
C LEU B 45 -1.80 12.68 7.74
N GLU B 46 -3.11 12.85 7.60
CA GLU B 46 -3.76 14.10 7.94
C GLU B 46 -5.02 13.84 8.78
N TRP B 47 -5.01 14.36 10.00
CA TRP B 47 -6.15 14.22 10.92
C TRP B 47 -7.32 15.06 10.41
N MET B 48 -8.47 14.42 10.28
CA MET B 48 -9.67 15.13 9.80
C MET B 48 -10.50 15.64 10.98
N GLY B 49 -10.49 14.86 12.06
CA GLY B 49 -11.30 15.14 13.22
C GLY B 49 -11.48 13.92 14.10
N GLY B 50 -12.17 14.11 15.21
CA GLY B 50 -12.38 13.04 16.17
C GLY B 50 -13.65 13.25 16.94
N ILE B 51 -14.24 12.15 17.38
CA ILE B 51 -15.48 12.19 18.16
C ILE B 51 -15.28 11.42 19.45
N ILE B 52 -15.84 11.94 20.55
CA ILE B 52 -15.83 11.25 21.84
C ILE B 52 -17.29 10.96 22.23
N PRO B 53 -17.76 9.74 21.93
CA PRO B 53 -19.16 9.35 22.13
C PRO B 53 -19.71 9.56 23.54
N ILE B 54 -18.88 9.40 24.58
CA ILE B 54 -19.34 9.59 25.97
C ILE B 54 -19.59 11.05 26.33
N PHE B 55 -18.88 11.97 25.67
CA PHE B 55 -19.12 13.40 25.85
C PHE B 55 -20.08 13.95 24.79
N GLY B 56 -20.30 13.16 23.74
CA GLY B 56 -21.15 13.55 22.61
C GLY B 56 -20.58 14.64 21.71
N THR B 57 -19.25 14.80 21.72
CA THR B 57 -18.60 15.92 21.04
C THR B 57 -17.67 15.48 19.90
N ALA B 58 -17.64 16.27 18.84
CA ALA B 58 -16.73 16.05 17.72
C ALA B 58 -15.97 17.34 17.42
N ASN B 59 -14.67 17.19 17.16
CA ASN B 59 -13.83 18.31 16.73
C ASN B 59 -13.32 18.03 15.32
N TYR B 60 -13.30 19.06 14.48
CA TYR B 60 -12.81 18.93 13.11
C TYR B 60 -11.58 19.80 12.86
N ALA B 61 -10.70 19.34 11.98
CA ALA B 61 -9.59 20.16 11.51
C ALA B 61 -10.17 21.31 10.68
N GLN B 62 -9.62 22.51 10.86
CA GLN B 62 -10.10 23.71 10.15
C GLN B 62 -10.31 23.50 8.64
N LYS B 63 -9.37 22.81 8.00
CA LYS B 63 -9.42 22.54 6.56
C LYS B 63 -10.71 21.86 6.10
N PHE B 64 -11.35 21.10 6.99
CA PHE B 64 -12.56 20.35 6.63
C PHE B 64 -13.86 20.89 7.21
N GLN B 65 -13.75 21.93 8.05
CA GLN B 65 -14.93 22.59 8.60
C GLN B 65 -15.79 23.10 7.45
N GLY B 66 -17.07 22.73 7.47
CA GLY B 66 -17.98 23.05 6.37
C GLY B 66 -18.19 21.91 5.37
N ARG B 67 -17.36 20.88 5.44
CA ARG B 67 -17.48 19.74 4.53
C ARG B 67 -17.54 18.39 5.24
N VAL B 68 -16.97 18.30 6.44
CA VAL B 68 -16.93 17.03 7.18
C VAL B 68 -17.99 16.96 8.29
N THR B 69 -18.52 15.75 8.48
CA THR B 69 -19.44 15.46 9.57
C THR B 69 -19.00 14.13 10.20
N ILE B 70 -18.70 14.16 11.50
CA ILE B 70 -18.37 12.92 12.20
C ILE B 70 -19.46 12.62 13.23
N THR B 71 -19.99 11.40 13.18
CA THR B 71 -21.05 10.97 14.09
C THR B 71 -20.69 9.59 14.63
N ALA B 72 -21.34 9.18 15.72
CA ALA B 72 -21.12 7.86 16.29
C ALA B 72 -22.38 7.36 16.98
N ASP B 73 -22.74 6.12 16.67
CA ASP B 73 -23.86 5.44 17.31
C ASP B 73 -23.34 4.39 18.29
N GLU B 74 -23.36 4.73 19.57
CA GLU B 74 -22.90 3.82 20.62
C GLU B 74 -23.64 2.48 20.59
N SER B 75 -24.93 2.51 20.27
CA SER B 75 -25.77 1.30 20.28
C SER B 75 -25.36 0.25 19.25
N THR B 76 -24.67 0.68 18.20
CA THR B 76 -24.18 -0.24 17.17
C THR B 76 -22.65 -0.24 17.10
N SER B 77 -22.01 0.48 18.02
CA SER B 77 -20.56 0.67 18.04
C SER B 77 -20.01 1.03 16.66
N THR B 78 -20.65 1.99 16.00
CA THR B 78 -20.27 2.37 14.65
C THR B 78 -20.07 3.89 14.59
N ALA B 79 -18.94 4.31 14.04
CA ALA B 79 -18.69 5.72 13.80
C ALA B 79 -18.76 5.99 12.29
N TYR B 80 -19.09 7.22 11.93
CA TYR B 80 -19.27 7.59 10.54
C TYR B 80 -18.51 8.87 10.23
N MET B 81 -17.99 8.93 9.02
CA MET B 81 -17.39 10.14 8.49
C MET B 81 -18.08 10.45 7.17
N GLU B 82 -18.63 11.65 7.07
CA GLU B 82 -19.24 12.11 5.83
C GLU B 82 -18.46 13.31 5.32
N LEU B 83 -18.17 13.33 4.02
CA LEU B 83 -17.41 14.41 3.40
C LEU B 83 -18.14 14.84 2.14
N SER B 84 -18.50 16.13 2.07
CA SER B 84 -19.35 16.66 1.01
C SER B 84 -18.55 17.50 0.01
N SER B 85 -19.20 17.87 -1.10
CA SER B 85 -18.59 18.62 -2.19
C SER B 85 -17.22 18.05 -2.57
N LEU B 86 -17.18 16.76 -2.86
CA LEU B 86 -15.93 16.06 -3.16
C LEU B 86 -15.26 16.59 -4.41
N ARG B 87 -13.93 16.68 -4.35
CA ARG B 87 -13.11 17.11 -5.48
C ARG B 87 -12.00 16.09 -5.67
N SER B 88 -11.31 16.15 -6.82
CA SER B 88 -10.20 15.24 -7.13
C SER B 88 -9.22 15.07 -5.98
N GLU B 89 -8.89 16.17 -5.30
CA GLU B 89 -7.93 16.17 -4.18
C GLU B 89 -8.39 15.38 -2.95
N ASP B 90 -9.67 15.03 -2.91
CA ASP B 90 -10.23 14.22 -1.82
C ASP B 90 -10.04 12.71 -2.03
N THR B 91 -9.52 12.35 -3.20
CA THR B 91 -9.17 10.95 -3.46
C THR B 91 -8.09 10.56 -2.46
N ALA B 92 -8.40 9.58 -1.60
CA ALA B 92 -7.53 9.19 -0.50
C ALA B 92 -8.03 7.94 0.19
N VAL B 93 -7.14 7.31 0.96
CA VAL B 93 -7.54 6.28 1.89
C VAL B 93 -7.98 6.96 3.19
N TYR B 94 -9.19 6.62 3.64
CA TYR B 94 -9.75 7.18 4.85
C TYR B 94 -9.67 6.12 5.96
N TYR B 95 -9.02 6.48 7.08
CA TYR B 95 -8.83 5.58 8.21
C TYR B 95 -9.63 6.04 9.42
N CYS B 96 -10.20 5.09 10.15
CA CYS B 96 -10.64 5.39 11.50
C CYS B 96 -9.63 4.77 12.47
N ALA B 97 -9.49 5.38 13.65
CA ALA B 97 -8.57 4.91 14.66
C ALA B 97 -9.10 5.26 16.04
N ARG B 98 -8.83 4.38 17.00
CA ARG B 98 -9.26 4.56 18.37
C ARG B 98 -8.23 5.35 19.16
N TYR B 99 -8.71 6.23 20.02
CA TYR B 99 -7.85 6.93 20.98
C TYR B 99 -8.61 7.17 22.29
N ASP B 100 -7.90 7.67 23.29
CA ASP B 100 -8.50 8.10 24.55
C ASP B 100 -8.56 9.62 24.51
N GLY B 101 -9.76 10.18 24.71
CA GLY B 101 -9.99 11.63 24.64
C GLY B 101 -9.03 12.50 25.41
N ILE B 102 -8.52 12.01 26.54
CA ILE B 102 -7.60 12.78 27.37
C ILE B 102 -6.14 12.64 26.95
N TYR B 103 -5.87 11.72 26.03
CA TYR B 103 -4.53 11.51 25.51
C TYR B 103 -4.51 11.79 24.01
N GLY B 104 -4.45 10.75 23.19
CA GLY B 104 -4.58 10.93 21.74
C GLY B 104 -3.67 10.13 20.84
N GLU B 105 -2.86 9.24 21.41
CA GLU B 105 -2.15 8.28 20.57
C GLU B 105 -3.20 7.32 20.01
N LEU B 106 -2.97 6.86 18.79
CA LEU B 106 -3.95 6.07 18.06
C LEU B 106 -3.50 4.62 18.03
N ASP B 107 -4.06 3.81 18.93
CA ASP B 107 -3.55 2.46 19.15
C ASP B 107 -4.14 1.36 18.26
N PHE B 108 -5.42 1.49 17.90
CA PHE B 108 -6.06 0.55 16.97
C PHE B 108 -6.58 1.29 15.75
N TRP B 109 -6.34 0.73 14.57
CA TRP B 109 -6.70 1.37 13.29
C TRP B 109 -7.58 0.47 12.43
N GLY B 110 -8.53 1.08 11.72
CA GLY B 110 -9.27 0.37 10.68
C GLY B 110 -8.36 0.08 9.49
N GLN B 111 -8.84 -0.75 8.55
CA GLN B 111 -8.01 -1.18 7.42
C GLN B 111 -7.89 -0.10 6.34
N GLY B 112 -8.70 0.96 6.46
CA GLY B 112 -8.71 2.04 5.49
C GLY B 112 -9.75 1.82 4.40
N THR B 113 -10.32 2.93 3.91
CA THR B 113 -11.29 2.89 2.82
C THR B 113 -10.83 3.85 1.72
N LEU B 114 -10.54 3.29 0.54
CA LEU B 114 -10.14 4.13 -0.59
C LEU B 114 -11.35 4.75 -1.26
N VAL B 115 -11.47 6.07 -1.17
CA VAL B 115 -12.50 6.82 -1.88
C VAL B 115 -11.85 7.49 -3.10
N THR B 116 -12.39 7.20 -4.28
CA THR B 116 -11.90 7.77 -5.53
C THR B 116 -12.93 8.77 -6.04
N VAL B 117 -12.51 10.01 -6.23
CA VAL B 117 -13.40 11.03 -6.74
C VAL B 117 -13.18 11.13 -8.25
N SER B 118 -14.17 10.65 -9.00
CA SER B 118 -14.07 10.55 -10.46
C SER B 118 -15.46 10.50 -11.08
N SER B 119 -15.54 10.91 -12.35
CA SER B 119 -16.76 10.77 -13.14
C SER B 119 -16.90 9.38 -13.76
N ALA B 120 -15.81 8.62 -13.79
CA ALA B 120 -15.81 7.29 -14.38
C ALA B 120 -16.66 6.29 -13.62
N SER B 121 -17.24 5.34 -14.35
CA SER B 121 -18.10 4.33 -13.77
C SER B 121 -17.33 3.16 -13.19
N THR B 122 -17.92 2.52 -12.20
CA THR B 122 -17.41 1.28 -11.62
C THR B 122 -17.41 0.18 -12.68
N LYS B 123 -16.34 -0.61 -12.70
CA LYS B 123 -16.21 -1.73 -13.63
C LYS B 123 -15.41 -2.84 -12.96
N GLY B 124 -15.98 -4.05 -12.98
CA GLY B 124 -15.31 -5.22 -12.41
C GLY B 124 -14.16 -5.69 -13.27
N PRO B 125 -13.19 -6.42 -12.68
CA PRO B 125 -12.05 -6.84 -13.47
C PRO B 125 -12.28 -8.15 -14.23
N SER B 126 -11.46 -8.38 -15.25
CA SER B 126 -11.28 -9.70 -15.80
C SER B 126 -9.99 -10.26 -15.22
N VAL B 127 -9.98 -11.55 -14.93
CA VAL B 127 -8.80 -12.18 -14.34
C VAL B 127 -8.28 -13.23 -15.32
N PHE B 128 -7.03 -13.06 -15.74
CA PHE B 128 -6.41 -13.94 -16.71
C PHE B 128 -5.20 -14.65 -16.11
N PRO B 129 -4.99 -15.92 -16.47
CA PRO B 129 -3.82 -16.63 -15.94
C PRO B 129 -2.53 -16.14 -16.59
N LEU B 130 -1.46 -16.14 -15.81
CA LEU B 130 -0.11 -15.99 -16.31
C LEU B 130 0.51 -17.36 -16.11
N ALA B 131 0.50 -18.17 -17.16
CA ALA B 131 0.81 -19.60 -17.03
C ALA B 131 2.31 -19.88 -16.93
N PRO B 132 2.70 -20.82 -16.05
CA PRO B 132 4.10 -21.26 -16.02
C PRO B 132 4.46 -22.10 -17.25
N GLY B 140 14.97 -24.90 -11.46
CA GLY B 140 14.06 -25.63 -10.58
C GLY B 140 12.93 -24.77 -10.04
N THR B 141 12.89 -23.50 -10.45
CA THR B 141 11.87 -22.55 -9.99
C THR B 141 10.98 -22.08 -11.14
N ALA B 142 9.66 -22.15 -10.93
CA ALA B 142 8.68 -21.69 -11.91
C ALA B 142 7.98 -20.42 -11.41
N ALA B 143 7.66 -19.52 -12.33
CA ALA B 143 6.82 -18.38 -11.99
C ALA B 143 5.46 -18.52 -12.63
N LEU B 144 4.43 -18.14 -11.88
CA LEU B 144 3.06 -18.13 -12.36
C LEU B 144 2.36 -16.93 -11.75
N GLY B 145 1.20 -16.56 -12.29
CA GLY B 145 0.48 -15.43 -11.75
C GLY B 145 -0.91 -15.23 -12.31
N CYS B 146 -1.52 -14.11 -11.92
CA CYS B 146 -2.78 -13.67 -12.49
C CYS B 146 -2.68 -12.22 -12.90
N LEU B 147 -3.24 -11.91 -14.07
CA LEU B 147 -3.36 -10.54 -14.53
C LEU B 147 -4.81 -10.09 -14.29
N VAL B 148 -4.95 -9.01 -13.51
CA VAL B 148 -6.27 -8.50 -13.11
C VAL B 148 -6.45 -7.21 -13.88
N LYS B 149 -7.31 -7.24 -14.89
CA LYS B 149 -7.30 -6.22 -15.93
C LYS B 149 -8.64 -5.50 -16.10
N ASP B 150 -8.55 -4.22 -16.46
CA ASP B 150 -9.69 -3.40 -16.87
C ASP B 150 -10.75 -3.20 -15.77
N TYR B 151 -10.30 -2.69 -14.63
CA TYR B 151 -11.22 -2.40 -13.53
C TYR B 151 -11.16 -0.94 -13.09
N PHE B 152 -12.20 -0.53 -12.37
CA PHE B 152 -12.27 0.82 -11.81
C PHE B 152 -13.35 0.84 -10.74
N PRO B 153 -13.12 1.56 -9.62
CA PRO B 153 -11.84 2.18 -9.26
C PRO B 153 -10.90 1.16 -8.61
N GLU B 154 -9.77 1.63 -8.10
CA GLU B 154 -8.97 0.83 -7.19
C GLU B 154 -9.76 0.68 -5.89
N PRO B 155 -9.38 -0.29 -5.03
CA PRO B 155 -8.36 -1.31 -5.24
C PRO B 155 -8.93 -2.70 -5.54
N VAL B 156 -8.04 -3.60 -5.95
CA VAL B 156 -8.33 -5.03 -5.87
C VAL B 156 -7.40 -5.63 -4.82
N THR B 157 -7.85 -6.72 -4.18
CA THR B 157 -6.95 -7.53 -3.37
C THR B 157 -6.73 -8.87 -4.03
N VAL B 158 -5.57 -9.47 -3.78
CA VAL B 158 -5.24 -10.79 -4.31
C VAL B 158 -4.59 -11.62 -3.22
N SER B 159 -5.07 -12.85 -3.05
CA SER B 159 -4.34 -13.84 -2.26
C SER B 159 -4.12 -15.07 -3.12
N TRP B 160 -3.26 -15.97 -2.66
CA TRP B 160 -3.04 -17.23 -3.34
C TRP B 160 -3.43 -18.40 -2.44
N ASN B 161 -4.11 -19.37 -3.04
CA ASN B 161 -4.59 -20.55 -2.33
C ASN B 161 -5.25 -20.23 -1.00
N SER B 162 -6.15 -19.24 -1.05
CA SER B 162 -6.92 -18.76 0.11
C SER B 162 -6.06 -18.25 1.28
N GLY B 163 -4.90 -17.70 0.94
CA GLY B 163 -3.98 -17.17 1.94
C GLY B 163 -2.98 -18.17 2.47
N ALA B 164 -3.11 -19.43 2.04
CA ALA B 164 -2.17 -20.48 2.47
C ALA B 164 -0.79 -20.31 1.80
N LEU B 165 -0.77 -19.69 0.62
CA LEU B 165 0.48 -19.44 -0.09
C LEU B 165 0.85 -17.97 0.02
N THR B 166 1.98 -17.69 0.69
CA THR B 166 2.43 -16.32 0.93
C THR B 166 3.89 -16.11 0.52
N SER B 167 4.72 -17.14 0.71
CA SER B 167 6.14 -17.05 0.36
C SER B 167 6.29 -16.89 -1.15
N GLY B 168 7.15 -15.97 -1.56
CA GLY B 168 7.44 -15.76 -2.97
C GLY B 168 6.37 -15.01 -3.75
N VAL B 169 5.32 -14.55 -3.07
CA VAL B 169 4.23 -13.81 -3.72
C VAL B 169 4.62 -12.34 -3.91
N HIS B 170 4.38 -11.80 -5.10
CA HIS B 170 4.50 -10.37 -5.34
C HIS B 170 3.24 -9.88 -6.03
N THR B 171 2.49 -9.01 -5.35
CA THR B 171 1.35 -8.34 -5.97
C THR B 171 1.75 -6.90 -6.23
N PHE B 172 1.70 -6.50 -7.50
CA PHE B 172 2.29 -5.23 -7.93
C PHE B 172 1.32 -4.08 -7.81
N PRO B 173 1.85 -2.83 -7.67
CA PRO B 173 0.96 -1.68 -7.80
C PRO B 173 0.25 -1.72 -9.15
N ALA B 174 -1.01 -1.33 -9.16
CA ALA B 174 -1.77 -1.22 -10.41
C ALA B 174 -1.23 -0.07 -11.26
N VAL B 175 -1.43 -0.16 -12.57
CA VAL B 175 -1.16 0.93 -13.49
C VAL B 175 -2.47 1.39 -14.10
N LEU B 176 -2.56 2.70 -14.36
CA LEU B 176 -3.70 3.28 -15.03
C LEU B 176 -3.45 3.24 -16.52
N GLN B 177 -4.27 2.49 -17.24
CA GLN B 177 -4.13 2.40 -18.69
C GLN B 177 -4.75 3.60 -19.40
N SER B 178 -4.38 3.79 -20.66
CA SER B 178 -4.89 4.90 -21.47
C SER B 178 -6.42 4.87 -21.60
N SER B 179 -7.01 3.70 -21.39
CA SER B 179 -8.46 3.55 -21.36
C SER B 179 -9.11 4.19 -20.12
N GLY B 180 -8.30 4.53 -19.12
CA GLY B 180 -8.81 5.01 -17.83
C GLY B 180 -9.16 3.89 -16.85
N LEU B 181 -8.79 2.65 -17.21
CA LEU B 181 -9.03 1.50 -16.35
C LEU B 181 -7.72 0.96 -15.80
N TYR B 182 -7.78 0.35 -14.61
CA TYR B 182 -6.59 -0.21 -13.97
C TYR B 182 -6.25 -1.62 -14.43
N SER B 183 -4.97 -1.96 -14.29
CA SER B 183 -4.50 -3.31 -14.55
C SER B 183 -3.41 -3.64 -13.54
N LEU B 184 -3.50 -4.84 -12.97
CA LEU B 184 -2.58 -5.25 -11.91
C LEU B 184 -2.15 -6.69 -12.15
N SER B 185 -0.90 -7.00 -11.84
CA SER B 185 -0.45 -8.39 -11.82
C SER B 185 -0.09 -8.86 -10.41
N SER B 186 -0.26 -10.15 -10.18
CA SER B 186 0.19 -10.79 -8.96
C SER B 186 0.88 -12.07 -9.38
N VAL B 187 2.08 -12.29 -8.85
CA VAL B 187 2.88 -13.43 -9.25
C VAL B 187 3.36 -14.19 -8.02
N VAL B 188 3.81 -15.41 -8.25
CA VAL B 188 4.47 -16.17 -7.20
C VAL B 188 5.48 -17.09 -7.86
N THR B 189 6.61 -17.30 -7.21
CA THR B 189 7.57 -18.29 -7.67
C THR B 189 7.45 -19.52 -6.80
N VAL B 190 7.48 -20.69 -7.43
CA VAL B 190 7.27 -21.98 -6.74
C VAL B 190 8.26 -23.03 -7.28
N PRO B 191 8.43 -24.15 -6.55
CA PRO B 191 9.18 -25.26 -7.14
C PRO B 191 8.47 -25.82 -8.37
N SER B 192 9.24 -26.05 -9.44
CA SER B 192 8.72 -26.66 -10.68
C SER B 192 8.12 -28.04 -10.44
N SER B 193 8.62 -28.73 -9.42
CA SER B 193 8.16 -30.07 -9.05
C SER B 193 6.76 -30.03 -8.40
N SER B 194 6.30 -28.85 -8.03
CA SER B 194 5.00 -28.70 -7.37
C SER B 194 3.85 -28.53 -8.37
N LEU B 195 4.21 -28.31 -9.63
CA LEU B 195 3.23 -27.98 -10.68
C LEU B 195 2.27 -29.11 -11.02
N GLY B 196 2.71 -30.35 -10.84
CA GLY B 196 1.87 -31.52 -11.08
C GLY B 196 0.95 -31.88 -9.93
N THR B 197 1.29 -31.43 -8.73
CA THR B 197 0.60 -31.85 -7.50
C THR B 197 -0.29 -30.77 -6.87
N GLN B 198 0.23 -29.55 -6.78
CA GLN B 198 -0.51 -28.45 -6.18
C GLN B 198 -1.33 -27.71 -7.23
N THR B 199 -2.49 -27.20 -6.79
CA THR B 199 -3.28 -26.30 -7.60
C THR B 199 -2.99 -24.87 -7.13
N TYR B 200 -2.63 -24.01 -8.06
CA TYR B 200 -2.41 -22.60 -7.76
C TYR B 200 -3.60 -21.78 -8.20
N ILE B 201 -4.24 -21.16 -7.22
CA ILE B 201 -5.46 -20.39 -7.44
C ILE B 201 -5.24 -18.99 -6.89
N CYS B 202 -5.45 -17.97 -7.72
CA CYS B 202 -5.44 -16.60 -7.23
C CYS B 202 -6.85 -16.19 -6.88
N ASN B 203 -7.00 -15.61 -5.70
CA ASN B 203 -8.29 -15.18 -5.18
C ASN B 203 -8.35 -13.67 -5.29
N VAL B 204 -9.20 -13.18 -6.18
CA VAL B 204 -9.26 -11.77 -6.51
C VAL B 204 -10.58 -11.15 -6.05
N ASN B 205 -10.47 -10.06 -5.30
CA ASN B 205 -11.63 -9.33 -4.82
C ASN B 205 -11.59 -7.88 -5.29
N HIS B 206 -12.69 -7.42 -5.86
CA HIS B 206 -12.88 -6.02 -6.21
C HIS B 206 -14.19 -5.56 -5.55
N LYS B 207 -14.07 -4.98 -4.37
CA LYS B 207 -15.24 -4.59 -3.56
C LYS B 207 -16.19 -3.61 -4.25
N PRO B 208 -15.67 -2.54 -4.88
CA PRO B 208 -16.56 -1.56 -5.51
C PRO B 208 -17.61 -2.17 -6.46
N SER B 209 -17.25 -3.25 -7.16
CA SER B 209 -18.17 -3.91 -8.09
C SER B 209 -18.73 -5.22 -7.54
N ASN B 210 -18.41 -5.52 -6.27
CA ASN B 210 -18.75 -6.80 -5.64
C ASN B 210 -18.33 -8.01 -6.47
N THR B 211 -17.12 -7.95 -7.02
CA THR B 211 -16.57 -9.04 -7.82
C THR B 211 -15.61 -9.87 -6.97
N LYS B 212 -15.84 -11.19 -6.97
CA LYS B 212 -14.93 -12.15 -6.36
C LYS B 212 -14.66 -13.23 -7.41
N VAL B 213 -13.39 -13.47 -7.69
CA VAL B 213 -12.98 -14.48 -8.66
C VAL B 213 -11.87 -15.35 -8.07
N ASP B 214 -12.03 -16.66 -8.20
CA ASP B 214 -10.95 -17.60 -7.94
C ASP B 214 -10.53 -18.20 -9.28
N LYS B 215 -9.31 -17.88 -9.71
CA LYS B 215 -8.81 -18.34 -11.00
C LYS B 215 -7.67 -19.34 -10.83
N LYS B 216 -7.89 -20.56 -11.32
CA LYS B 216 -6.85 -21.58 -11.31
C LYS B 216 -5.84 -21.27 -12.42
N VAL B 217 -4.56 -21.32 -12.06
CA VAL B 217 -3.46 -21.08 -13.01
C VAL B 217 -2.76 -22.40 -13.32
N GLU B 218 -3.03 -22.92 -14.52
CA GLU B 218 -2.50 -24.20 -15.01
C GLU B 218 -1.23 -24.03 -15.84
N PRO B 219 -0.27 -24.98 -15.72
CA PRO B 219 0.91 -25.02 -16.59
C PRO B 219 0.54 -25.18 -18.06
#